data_2IEQ
#
_entry.id   2IEQ
#
_cell.length_a   50.020
_cell.length_b   51.688
_cell.length_c   54.080
_cell.angle_alpha   90.00
_cell.angle_beta   107.56
_cell.angle_gamma   90.00
#
_symmetry.space_group_name_H-M   'P 1 21 1'
#
loop_
_entity.id
_entity.type
_entity.pdbx_description
1 polymer 'Spike glycoprotein'
2 non-polymer 'SODIUM ION'
3 non-polymer 'ACETATE ION'
4 water water
#
_entity_poly.entity_id   1
_entity_poly.type   'polypeptide(L)'
_entity_poly.pdbx_seq_one_letter_code
;KAINNIVASFSSVNDAITQTAEAIHTVTIALNKIQDVVNQQGSALNHLTSQLRHNFQSGGRGSGRGGNLTYLNLSSELKQ
LEAKTASLFQTTVELQGLIDQINSTYVDL
;
_entity_poly.pdbx_strand_id   A,B,C
#
loop_
_chem_comp.id
_chem_comp.type
_chem_comp.name
_chem_comp.formula
ACT non-polymer 'ACETATE ION' 'C2 H3 O2 -1'
NA non-polymer 'SODIUM ION' 'Na 1'
#
# COMPACT_ATOMS: atom_id res chain seq x y z
N ALA A 2 -10.10 5.82 -31.90
CA ALA A 2 -10.22 5.22 -30.54
C ALA A 2 -8.86 5.02 -29.86
N ILE A 3 -7.80 4.91 -30.68
CA ILE A 3 -6.43 4.67 -30.23
C ILE A 3 -6.01 5.70 -29.21
N ASN A 4 -6.34 6.96 -29.47
CA ASN A 4 -5.94 8.02 -28.57
C ASN A 4 -6.47 7.77 -27.17
N ASN A 5 -7.71 7.32 -27.06
CA ASN A 5 -8.32 7.11 -25.74
C ASN A 5 -7.80 5.86 -25.04
N ILE A 6 -7.46 4.82 -25.83
CA ILE A 6 -6.73 3.67 -25.29
C ILE A 6 -5.35 4.07 -24.74
N VAL A 7 -4.60 4.84 -25.53
CA VAL A 7 -3.34 5.40 -25.07
C VAL A 7 -3.50 6.23 -23.81
N ALA A 8 -4.51 7.11 -23.79
CA ALA A 8 -4.69 7.99 -22.64
C ALA A 8 -5.08 7.15 -21.42
N SER A 9 -5.83 6.10 -21.66
CA SER A 9 -6.30 5.26 -20.56
C SER A 9 -5.11 4.48 -19.95
N PHE A 10 -4.26 3.87 -20.81
CA PHE A 10 -3.02 3.25 -20.25
C PHE A 10 -2.14 4.28 -19.55
N SER A 11 -2.03 5.50 -20.11
CA SER A 11 -1.22 6.53 -19.41
C SER A 11 -1.80 6.86 -18.01
N SER A 12 -3.12 6.91 -17.92
CA SER A 12 -3.78 7.15 -16.63
C SER A 12 -3.45 6.01 -15.66
N VAL A 13 -3.53 4.78 -16.15
CA VAL A 13 -3.22 3.60 -15.30
C VAL A 13 -1.73 3.63 -14.86
N ASN A 14 -0.83 4.00 -15.78
CA ASN A 14 0.61 4.00 -15.44
C ASN A 14 0.83 5.05 -14.36
N ASP A 15 0.12 6.17 -14.43
CA ASP A 15 0.18 7.17 -13.35
C ASP A 15 -0.25 6.60 -11.98
N ALA A 16 -1.29 5.75 -11.98
CA ALA A 16 -1.75 5.12 -10.75
C ALA A 16 -0.67 4.14 -10.23
N ILE A 17 0.02 3.46 -11.15
CA ILE A 17 1.05 2.50 -10.72
C ILE A 17 2.20 3.29 -10.05
N THR A 18 2.60 4.41 -10.67
CA THR A 18 3.61 5.32 -10.09
C THR A 18 3.22 5.77 -8.69
N GLN A 19 1.98 6.22 -8.50
CA GLN A 19 1.48 6.72 -7.24
C GLN A 19 1.50 5.60 -6.21
N THR A 20 1.16 4.41 -6.63
CA THR A 20 1.14 3.24 -5.71
C THR A 20 2.57 2.90 -5.25
N ALA A 21 3.54 2.96 -6.17
CA ALA A 21 4.92 2.63 -5.83
C ALA A 21 5.38 3.63 -4.81
N GLU A 22 5.05 4.91 -5.05
CA GLU A 22 5.42 6.01 -4.16
C GLU A 22 4.77 5.84 -2.78
N ALA A 23 3.51 5.45 -2.80
CA ALA A 23 2.78 5.26 -1.55
C ALA A 23 3.41 4.12 -0.79
N ILE A 24 3.73 3.02 -1.47
CA ILE A 24 4.41 1.92 -0.70
C ILE A 24 5.79 2.34 -0.12
N HIS A 25 6.52 3.15 -0.91
CA HIS A 25 7.78 3.75 -0.39
C HIS A 25 7.51 4.48 0.93
N THR A 26 6.48 5.33 0.97
CA THR A 26 6.16 6.13 2.19
C THR A 26 5.79 5.20 3.37
N VAL A 27 5.01 4.16 3.07
CA VAL A 27 4.64 3.20 4.13
C VAL A 27 5.94 2.54 4.69
N THR A 28 6.91 2.24 3.82
CA THR A 28 8.18 1.60 4.22
C THR A 28 8.94 2.53 5.21
N ILE A 29 8.98 3.82 4.86
CA ILE A 29 9.62 4.83 5.69
C ILE A 29 8.87 4.89 7.06
N ALA A 30 7.54 4.91 7.01
CA ALA A 30 6.72 4.94 8.26
C ALA A 30 7.02 3.73 9.15
N LEU A 31 7.00 2.54 8.55
CA LEU A 31 7.21 1.29 9.31
C LEU A 31 8.65 1.26 9.94
N ASN A 32 9.65 1.76 9.21
CA ASN A 32 11.04 1.84 9.73
C ASN A 32 11.13 2.80 10.94
N LYS A 33 10.46 3.95 10.86
CA LYS A 33 10.43 4.92 11.96
C LYS A 33 9.71 4.28 13.14
N ILE A 34 8.65 3.53 12.88
CA ILE A 34 7.90 2.87 13.99
C ILE A 34 8.84 1.90 14.74
N GLN A 35 9.49 1.03 13.98
CA GLN A 35 10.40 -0.03 14.52
C GLN A 35 11.44 0.60 15.47
N ASP A 36 12.07 1.66 14.98
CA ASP A 36 13.17 2.40 15.64
C ASP A 36 12.67 2.94 16.96
N VAL A 37 11.48 3.54 16.95
CA VAL A 37 10.94 4.07 18.22
C VAL A 37 10.51 2.96 19.17
N VAL A 38 9.79 1.96 18.66
CA VAL A 38 9.23 0.92 19.52
C VAL A 38 10.38 0.21 20.21
N ASN A 39 11.48 0.02 19.47
CA ASN A 39 12.64 -0.70 20.02
C ASN A 39 13.43 0.16 20.99
N GLN A 40 13.45 1.46 20.72
CA GLN A 40 13.99 2.38 21.76
C GLN A 40 13.20 2.29 23.08
N GLN A 41 11.87 2.24 23.00
CA GLN A 41 11.08 2.14 24.21
C GLN A 41 11.18 0.80 24.91
N GLY A 42 11.21 -0.29 24.15
CA GLY A 42 11.40 -1.61 24.72
C GLY A 42 12.71 -1.67 25.49
N SER A 43 13.75 -1.02 24.95
CA SER A 43 15.09 -1.01 25.56
C SER A 43 15.05 -0.22 26.87
N ALA A 44 14.39 0.93 26.84
CA ALA A 44 14.22 1.75 28.04
C ALA A 44 13.45 0.98 29.11
N LEU A 45 12.37 0.29 28.73
CA LEU A 45 11.62 -0.55 29.66
C LEU A 45 12.46 -1.69 30.21
N ASN A 46 13.31 -2.30 29.38
CA ASN A 46 14.15 -3.40 29.85
C ASN A 46 15.04 -2.92 30.98
N HIS A 47 15.82 -1.88 30.68
CA HIS A 47 16.71 -1.24 31.63
C HIS A 47 16.00 -0.93 32.95
N LEU A 48 14.85 -0.27 32.86
CA LEU A 48 14.08 0.14 34.01
C LEU A 48 13.52 -1.02 34.83
N THR A 49 13.27 -2.15 34.19
CA THR A 49 12.83 -3.33 34.93
C THR A 49 14.04 -3.96 35.61
N SER A 50 15.16 -3.99 34.89
CA SER A 50 16.44 -4.48 35.38
C SER A 50 17.01 -3.67 36.57
N GLN A 51 16.28 -2.63 36.99
CA GLN A 51 16.69 -1.76 38.11
C GLN A 51 15.67 -1.76 39.24
N LEU A 69 11.62 -8.25 27.10
CA LEU A 69 10.69 -7.77 26.08
C LEU A 69 11.15 -8.09 24.67
N THR A 70 10.22 -8.51 23.84
CA THR A 70 10.54 -8.85 22.45
C THR A 70 11.13 -7.68 21.66
N TYR A 71 12.17 -7.96 20.85
CA TYR A 71 12.65 -6.94 19.88
C TYR A 71 11.70 -6.92 18.66
N LEU A 72 11.25 -5.74 18.23
CA LEU A 72 10.36 -5.68 17.04
C LEU A 72 11.22 -5.75 15.79
N ASN A 73 11.01 -6.83 15.01
CA ASN A 73 11.86 -7.08 13.86
C ASN A 73 11.06 -7.01 12.58
N LEU A 74 11.17 -5.89 11.85
CA LEU A 74 10.46 -5.70 10.59
C LEU A 74 11.42 -5.78 9.36
N SER A 75 12.64 -6.28 9.59
CA SER A 75 13.68 -6.20 8.53
C SER A 75 13.23 -6.89 7.23
N SER A 76 12.64 -8.09 7.37
CA SER A 76 12.22 -8.89 6.19
C SER A 76 11.08 -8.17 5.45
N GLU A 77 10.15 -7.61 6.24
CA GLU A 77 9.01 -6.91 5.61
C GLU A 77 9.48 -5.65 4.89
N LEU A 78 10.37 -4.88 5.49
CA LEU A 78 10.87 -3.64 4.85
C LEU A 78 11.57 -4.03 3.56
N LYS A 79 12.40 -5.07 3.63
CA LYS A 79 13.12 -5.49 2.41
C LYS A 79 12.14 -5.88 1.27
N GLN A 80 11.12 -6.65 1.63
CA GLN A 80 10.09 -7.08 0.68
C GLN A 80 9.38 -5.85 0.07
N LEU A 81 9.08 -4.83 0.91
CA LEU A 81 8.35 -3.65 0.42
C LEU A 81 9.26 -2.84 -0.50
N GLU A 82 10.55 -2.72 -0.14
CA GLU A 82 11.51 -2.05 -1.04
C GLU A 82 11.57 -2.80 -2.39
N ALA A 83 11.48 -4.13 -2.33
CA ALA A 83 11.52 -4.95 -3.57
C ALA A 83 10.29 -4.68 -4.45
N LYS A 84 9.12 -4.62 -3.82
CA LYS A 84 7.86 -4.28 -4.52
C LYS A 84 7.85 -2.87 -5.09
N THR A 85 8.35 -1.89 -4.36
CA THR A 85 8.47 -0.53 -4.86
C THR A 85 9.30 -0.47 -6.14
N ALA A 86 10.48 -1.05 -6.08
CA ALA A 86 11.35 -1.10 -7.26
C ALA A 86 10.71 -1.84 -8.44
N SER A 87 10.07 -2.96 -8.18
CA SER A 87 9.45 -3.72 -9.29
C SER A 87 8.30 -2.97 -9.91
N LEU A 88 7.50 -2.29 -9.08
CA LEU A 88 6.42 -1.43 -9.57
C LEU A 88 7.00 -0.32 -10.46
N PHE A 89 8.05 0.35 -9.99
CA PHE A 89 8.72 1.36 -10.87
C PHE A 89 9.22 0.76 -12.19
N GLN A 90 9.75 -0.45 -12.15
CA GLN A 90 10.22 -1.11 -13.37
C GLN A 90 9.04 -1.35 -14.33
N THR A 91 7.90 -1.77 -13.76
CA THR A 91 6.67 -1.95 -14.54
C THR A 91 6.27 -0.65 -15.24
N THR A 92 6.42 0.51 -14.59
CA THR A 92 6.05 1.78 -15.22
C THR A 92 6.94 2.07 -16.44
N VAL A 93 8.22 1.72 -16.35
CA VAL A 93 9.14 1.88 -17.52
C VAL A 93 8.70 0.95 -18.67
N GLU A 94 8.48 -0.32 -18.35
CA GLU A 94 8.00 -1.31 -19.33
C GLU A 94 6.68 -0.89 -19.95
N LEU A 95 5.70 -0.48 -19.12
CA LEU A 95 4.41 -0.05 -19.68
C LEU A 95 4.54 1.23 -20.50
N GLN A 96 5.30 2.22 -20.00
CA GLN A 96 5.56 3.43 -20.81
C GLN A 96 6.09 3.05 -22.21
N GLY A 97 7.07 2.17 -22.28
CA GLY A 97 7.54 1.65 -23.60
C GLY A 97 6.40 1.11 -24.46
N LEU A 98 5.51 0.36 -23.83
CA LEU A 98 4.45 -0.27 -24.58
C LEU A 98 3.42 0.76 -25.04
N ILE A 99 3.15 1.79 -24.21
CA ILE A 99 2.14 2.81 -24.56
C ILE A 99 2.74 3.57 -25.75
N ASP A 100 4.05 3.84 -25.67
CA ASP A 100 4.73 4.54 -26.80
C ASP A 100 4.56 3.76 -28.09
N GLN A 101 4.62 2.43 -27.99
CA GLN A 101 4.45 1.57 -29.13
C GLN A 101 3.04 1.64 -29.70
N ILE A 102 2.04 1.63 -28.80
CA ILE A 102 0.65 1.72 -29.27
C ILE A 102 0.48 3.08 -29.91
N ASN A 103 1.03 4.13 -29.31
CA ASN A 103 0.86 5.47 -29.82
C ASN A 103 1.55 5.65 -31.19
N SER A 104 2.56 4.83 -31.46
CA SER A 104 3.31 4.98 -32.71
C SER A 104 2.69 4.23 -33.89
N THR A 105 1.69 3.38 -33.60
CA THR A 105 0.84 2.66 -34.58
C THR A 105 0.62 3.48 -35.85
N TYR A 106 1.08 2.94 -36.97
CA TYR A 106 1.05 3.65 -38.26
C TYR A 106 0.43 2.73 -39.32
N LYS B 1 -16.06 -9.22 -29.20
CA LYS B 1 -15.17 -8.33 -30.02
C LYS B 1 -14.07 -7.67 -29.17
N ALA B 2 -12.94 -7.36 -29.80
CA ALA B 2 -11.78 -6.81 -29.10
C ALA B 2 -12.12 -5.60 -28.21
N ILE B 3 -12.77 -4.59 -28.81
CA ILE B 3 -13.13 -3.35 -28.10
C ILE B 3 -13.92 -3.55 -26.79
N ASN B 4 -14.90 -4.44 -26.81
CA ASN B 4 -15.67 -4.73 -25.60
C ASN B 4 -14.78 -5.27 -24.47
N ASN B 5 -13.85 -6.15 -24.85
CA ASN B 5 -13.03 -6.80 -23.83
C ASN B 5 -11.96 -5.81 -23.36
N ILE B 6 -11.56 -4.89 -24.26
CA ILE B 6 -10.69 -3.78 -23.87
C ILE B 6 -11.40 -2.87 -22.84
N VAL B 7 -12.65 -2.53 -23.10
CA VAL B 7 -13.43 -1.72 -22.14
C VAL B 7 -13.56 -2.48 -20.81
N ALA B 8 -13.91 -3.77 -20.88
CA ALA B 8 -14.06 -4.56 -19.66
C ALA B 8 -12.74 -4.62 -18.87
N SER B 9 -11.63 -4.77 -19.61
CA SER B 9 -10.30 -4.81 -18.97
C SER B 9 -9.99 -3.52 -18.25
N PHE B 10 -10.15 -2.37 -18.94
CA PHE B 10 -9.89 -1.10 -18.25
C PHE B 10 -10.80 -0.96 -16.99
N SER B 11 -12.06 -1.42 -17.07
CA SER B 11 -12.96 -1.30 -15.91
C SER B 11 -12.47 -2.17 -14.73
N SER B 12 -11.89 -3.34 -15.05
CA SER B 12 -11.34 -4.25 -14.04
C SER B 12 -10.09 -3.59 -13.37
N VAL B 13 -9.25 -2.97 -14.20
CA VAL B 13 -8.10 -2.24 -13.67
C VAL B 13 -8.60 -1.08 -12.80
N ASN B 14 -9.63 -0.35 -13.24
CA ASN B 14 -10.10 0.78 -12.47
C ASN B 14 -10.62 0.31 -11.13
N ASP B 15 -11.22 -0.87 -11.08
CA ASP B 15 -11.61 -1.43 -9.79
C ASP B 15 -10.41 -1.64 -8.86
N ALA B 16 -9.32 -2.18 -9.43
CA ALA B 16 -8.07 -2.41 -8.65
C ALA B 16 -7.46 -1.11 -8.12
N ILE B 17 -7.50 -0.09 -8.97
CA ILE B 17 -7.01 1.20 -8.51
C ILE B 17 -7.86 1.69 -7.33
N THR B 18 -9.19 1.57 -7.44
CA THR B 18 -10.06 1.99 -6.33
C THR B 18 -9.73 1.21 -5.04
N GLN B 19 -9.52 -0.10 -5.16
CA GLN B 19 -9.25 -0.94 -4.01
C GLN B 19 -7.90 -0.54 -3.41
N THR B 20 -6.96 -0.15 -4.27
CA THR B 20 -5.64 0.28 -3.83
C THR B 20 -5.74 1.60 -3.03
N ALA B 21 -6.54 2.56 -3.52
CA ALA B 21 -6.71 3.79 -2.79
C ALA B 21 -7.33 3.52 -1.42
N GLU B 22 -8.35 2.66 -1.38
CA GLU B 22 -9.03 2.25 -0.11
C GLU B 22 -8.04 1.60 0.83
N ALA B 23 -7.21 0.70 0.30
CA ALA B 23 -6.19 0.05 1.12
C ALA B 23 -5.21 1.07 1.69
N ILE B 24 -4.70 1.97 0.86
CA ILE B 24 -3.83 3.04 1.42
C ILE B 24 -4.49 3.86 2.51
N HIS B 25 -5.75 4.24 2.30
CA HIS B 25 -6.51 4.94 3.35
C HIS B 25 -6.57 4.13 4.67
N THR B 26 -6.84 2.83 4.58
CA THR B 26 -6.83 1.95 5.76
C THR B 26 -5.43 1.93 6.43
N VAL B 27 -4.38 1.83 5.59
CA VAL B 27 -3.03 1.83 6.19
C VAL B 27 -2.81 3.14 6.93
N THR B 28 -3.25 4.27 6.35
CA THR B 28 -3.09 5.58 7.01
C THR B 28 -3.74 5.58 8.42
N ILE B 29 -4.94 5.03 8.51
CA ILE B 29 -5.63 4.94 9.82
C ILE B 29 -4.80 4.10 10.81
N ALA B 30 -4.34 2.95 10.35
CA ALA B 30 -3.54 2.04 11.22
C ALA B 30 -2.26 2.72 11.72
N LEU B 31 -1.57 3.40 10.81
CA LEU B 31 -0.33 4.10 11.19
C LEU B 31 -0.60 5.27 12.16
N ASN B 32 -1.73 5.97 11.99
CA ASN B 32 -2.08 7.06 12.90
C ASN B 32 -2.38 6.50 14.31
N LYS B 33 -3.04 5.33 14.36
CA LYS B 33 -3.37 4.69 15.62
C LYS B 33 -2.11 4.21 16.28
N ILE B 34 -1.19 3.67 15.49
CA ILE B 34 0.08 3.22 16.09
C ILE B 34 0.79 4.44 16.69
N GLN B 35 0.89 5.51 15.92
CA GLN B 35 1.61 6.73 16.40
C GLN B 35 1.06 7.20 17.75
N ASP B 36 -0.26 7.17 17.87
CA ASP B 36 -0.97 7.69 19.05
C ASP B 36 -0.61 6.86 20.28
N VAL B 37 -0.72 5.55 20.16
CA VAL B 37 -0.45 4.66 21.29
C VAL B 37 1.05 4.68 21.66
N VAL B 38 1.93 4.65 20.64
CA VAL B 38 3.38 4.60 20.88
C VAL B 38 3.79 5.86 21.62
N ASN B 39 3.27 7.04 21.22
CA ASN B 39 3.64 8.27 21.91
C ASN B 39 3.01 8.39 23.30
N GLN B 40 1.87 7.77 23.51
CA GLN B 40 1.31 7.72 24.88
C GLN B 40 2.18 6.89 25.81
N GLN B 41 2.73 5.78 25.29
CA GLN B 41 3.62 4.93 26.06
C GLN B 41 4.97 5.61 26.32
N GLY B 42 5.52 6.28 25.32
CA GLY B 42 6.77 7.05 25.49
C GLY B 42 6.58 8.18 26.52
N SER B 43 5.49 8.94 26.40
CA SER B 43 5.15 9.93 27.43
C SER B 43 5.06 9.32 28.84
N ALA B 44 4.31 8.21 29.00
CA ALA B 44 4.21 7.52 30.29
C ALA B 44 5.60 7.08 30.79
N LEU B 45 6.40 6.55 29.87
CA LEU B 45 7.76 6.19 30.19
C LEU B 45 8.59 7.35 30.68
N ASN B 46 8.50 8.50 30.00
CA ASN B 46 9.32 9.66 30.34
C ASN B 46 8.92 10.13 31.74
N HIS B 47 7.62 10.14 32.01
CA HIS B 47 7.10 10.64 33.27
C HIS B 47 7.52 9.78 34.43
N LEU B 48 7.46 8.47 34.21
CA LEU B 48 7.85 7.48 35.22
C LEU B 48 9.32 7.61 35.59
N THR B 49 10.17 7.66 34.57
CA THR B 49 11.60 7.68 34.80
C THR B 49 12.00 8.99 35.47
N SER B 50 11.39 10.09 35.06
CA SER B 50 11.72 11.37 35.67
C SER B 50 11.18 11.49 37.10
N GLN B 51 9.97 11.00 37.36
CA GLN B 51 9.50 10.85 38.75
C GLN B 51 10.47 9.96 39.56
N LEU B 52 10.95 8.87 38.96
CA LEU B 52 11.86 7.94 39.62
C LEU B 52 13.32 8.43 39.57
N LEU B 69 12.68 10.15 25.86
CA LEU B 69 12.61 9.33 24.66
C LEU B 69 12.16 10.13 23.43
N THR B 70 12.42 9.58 22.24
CA THR B 70 12.09 10.29 21.02
C THR B 70 10.62 10.11 20.70
N TYR B 71 9.99 11.22 20.37
CA TYR B 71 8.62 11.26 19.82
C TYR B 71 8.55 10.51 18.45
N LEU B 72 7.54 9.67 18.24
CA LEU B 72 7.43 9.01 16.95
C LEU B 72 6.69 10.00 16.02
N ASN B 73 7.37 10.51 15.00
CA ASN B 73 6.77 11.56 14.17
C ASN B 73 6.46 10.98 12.77
N LEU B 74 5.19 10.66 12.53
CA LEU B 74 4.74 10.20 11.21
C LEU B 74 3.93 11.25 10.43
N SER B 75 4.01 12.50 10.89
CA SER B 75 3.19 13.57 10.28
C SER B 75 3.40 13.68 8.77
N SER B 76 4.65 13.64 8.31
CA SER B 76 4.95 13.87 6.88
C SER B 76 4.49 12.67 6.08
N GLU B 77 4.71 11.48 6.67
CA GLU B 77 4.27 10.24 6.00
C GLU B 77 2.78 10.18 5.89
N LEU B 78 2.07 10.57 6.95
CA LEU B 78 0.59 10.55 6.96
C LEU B 78 0.03 11.47 5.93
N LYS B 79 0.65 12.63 5.84
CA LYS B 79 0.20 13.60 4.83
C LYS B 79 0.44 13.12 3.42
N GLN B 80 1.60 12.52 3.18
CA GLN B 80 1.93 11.97 1.89
C GLN B 80 0.94 10.87 1.51
N LEU B 81 0.64 9.95 2.43
CA LEU B 81 -0.41 8.92 2.18
C LEU B 81 -1.80 9.46 1.89
N GLU B 82 -2.20 10.49 2.63
CA GLU B 82 -3.48 11.14 2.39
C GLU B 82 -3.46 11.75 0.97
N ALA B 83 -2.33 12.36 0.58
CA ALA B 83 -2.24 12.91 -0.81
C ALA B 83 -2.37 11.81 -1.86
N LYS B 84 -1.72 10.67 -1.60
CA LYS B 84 -1.84 9.50 -2.51
C LYS B 84 -3.23 8.92 -2.56
N THR B 85 -3.90 8.80 -1.43
CA THR B 85 -5.29 8.38 -1.44
C THR B 85 -6.13 9.25 -2.40
N ALA B 86 -6.02 10.57 -2.21
CA ALA B 86 -6.72 11.55 -3.03
C ALA B 86 -6.38 11.41 -4.52
N SER B 87 -5.10 11.28 -4.82
CA SER B 87 -4.71 11.25 -6.25
C SER B 87 -5.12 9.99 -6.93
N LEU B 88 -5.05 8.87 -6.18
CA LEU B 88 -5.46 7.59 -6.78
C LEU B 88 -6.96 7.68 -7.04
N PHE B 89 -7.73 8.19 -6.09
CA PHE B 89 -9.17 8.36 -6.38
C PHE B 89 -9.49 9.28 -7.58
N GLN B 90 -8.71 10.35 -7.74
CA GLN B 90 -8.86 11.27 -8.87
C GLN B 90 -8.56 10.54 -10.16
N THR B 91 -7.53 9.71 -10.15
CA THR B 91 -7.23 8.85 -11.30
C THR B 91 -8.41 7.94 -11.69
N THR B 92 -9.07 7.33 -10.71
CA THR B 92 -10.24 6.50 -11.04
C THR B 92 -11.34 7.29 -11.71
N VAL B 93 -11.52 8.56 -11.36
CA VAL B 93 -12.54 9.37 -12.02
C VAL B 93 -12.18 9.67 -13.50
N GLU B 94 -10.93 10.06 -13.69
CA GLU B 94 -10.34 10.31 -15.03
C GLU B 94 -10.40 9.12 -15.94
N LEU B 95 -9.97 7.97 -15.42
CA LEU B 95 -9.99 6.71 -16.15
C LEU B 95 -11.41 6.31 -16.45
N GLN B 96 -12.34 6.47 -15.50
CA GLN B 96 -13.78 6.23 -15.86
C GLN B 96 -14.23 7.14 -17.02
N GLY B 97 -13.84 8.40 -17.02
CA GLY B 97 -14.17 9.32 -18.13
C GLY B 97 -13.63 8.84 -19.49
N LEU B 98 -12.41 8.34 -19.48
CA LEU B 98 -11.78 7.85 -20.70
C LEU B 98 -12.48 6.56 -21.16
N ILE B 99 -12.82 5.67 -20.20
CA ILE B 99 -13.64 4.48 -20.51
C ILE B 99 -14.96 4.95 -21.16
N ASP B 100 -15.57 5.99 -20.60
CA ASP B 100 -16.80 6.52 -21.21
C ASP B 100 -16.56 6.99 -22.65
N GLN B 101 -15.36 7.54 -22.91
CA GLN B 101 -15.04 7.94 -24.28
C GLN B 101 -14.87 6.78 -25.25
N ILE B 102 -14.27 5.67 -24.78
CA ILE B 102 -14.03 4.51 -25.65
C ILE B 102 -15.41 3.97 -25.95
N ASN B 103 -16.16 3.70 -24.89
CA ASN B 103 -17.55 3.25 -24.99
C ASN B 103 -18.43 3.98 -25.97
N SER B 104 -18.18 5.28 -26.13
CA SER B 104 -18.98 6.06 -27.03
C SER B 104 -18.40 6.18 -28.44
N THR B 105 -17.12 5.88 -28.64
CA THR B 105 -16.50 5.98 -29.98
C THR B 105 -16.97 4.87 -30.94
N LYS C 1 2.52 -4.37 -33.74
CA LYS C 1 1.08 -4.54 -34.07
C LYS C 1 0.24 -4.08 -32.88
N ALA C 2 -0.82 -3.32 -33.16
CA ALA C 2 -1.51 -2.55 -32.12
C ALA C 2 -2.05 -3.48 -31.03
N ILE C 3 -2.73 -4.54 -31.44
CA ILE C 3 -3.41 -5.42 -30.49
C ILE C 3 -2.44 -6.26 -29.62
N ASN C 4 -1.34 -6.73 -30.20
CA ASN C 4 -0.31 -7.38 -29.36
C ASN C 4 0.25 -6.44 -28.26
N ASN C 5 0.41 -5.16 -28.59
CA ASN C 5 0.93 -4.18 -27.64
C ASN C 5 -0.11 -3.93 -26.57
N ILE C 6 -1.38 -3.93 -26.99
CA ILE C 6 -2.49 -3.81 -26.03
C ILE C 6 -2.56 -4.96 -25.01
N VAL C 7 -2.52 -6.20 -25.50
CA VAL C 7 -2.41 -7.40 -24.64
C VAL C 7 -1.20 -7.31 -23.72
N ALA C 8 -0.04 -6.94 -24.25
CA ALA C 8 1.19 -6.86 -23.42
C ALA C 8 1.06 -5.79 -22.35
N SER C 9 0.42 -4.69 -22.71
CA SER C 9 0.17 -3.60 -21.77
C SER C 9 -0.75 -4.08 -20.62
N PHE C 10 -1.88 -4.66 -20.96
CA PHE C 10 -2.75 -5.25 -19.87
C PHE C 10 -2.01 -6.26 -19.01
N SER C 11 -1.14 -7.05 -19.62
CA SER C 11 -0.34 -8.02 -18.85
C SER C 11 0.65 -7.36 -17.89
N SER C 12 1.28 -6.24 -18.33
CA SER C 12 2.17 -5.52 -17.47
C SER C 12 1.31 -4.91 -16.33
N VAL C 13 0.12 -4.40 -16.64
CA VAL C 13 -0.71 -3.81 -15.58
C VAL C 13 -1.07 -4.92 -14.57
N ASN C 14 -1.46 -6.11 -15.06
CA ASN C 14 -1.83 -7.19 -14.14
C ASN C 14 -0.66 -7.58 -13.21
N ASP C 15 0.54 -7.51 -13.75
CA ASP C 15 1.72 -7.80 -12.94
C ASP C 15 1.79 -6.80 -11.77
N ALA C 16 1.52 -5.54 -12.10
CA ALA C 16 1.57 -4.43 -11.12
C ALA C 16 0.46 -4.66 -10.04
N ILE C 17 -0.70 -5.11 -10.48
CA ILE C 17 -1.82 -5.33 -9.49
C ILE C 17 -1.40 -6.49 -8.56
N THR C 18 -0.81 -7.54 -9.14
CA THR C 18 -0.26 -8.67 -8.35
C THR C 18 0.80 -8.18 -7.34
N GLN C 19 1.73 -7.30 -7.74
CA GLN C 19 2.77 -6.81 -6.82
C GLN C 19 2.12 -5.96 -5.71
N THR C 20 1.04 -5.26 -6.04
CA THR C 20 0.35 -4.39 -5.08
C THR C 20 -0.34 -5.26 -4.00
N ALA C 21 -1.00 -6.33 -4.44
CA ALA C 21 -1.65 -7.25 -3.52
C ALA C 21 -0.61 -7.83 -2.55
N GLU C 22 0.53 -8.23 -3.12
CA GLU C 22 1.65 -8.81 -2.32
C GLU C 22 2.17 -7.75 -1.32
N ALA C 23 2.28 -6.50 -1.78
CA ALA C 23 2.76 -5.44 -0.91
C ALA C 23 1.78 -5.22 0.24
N ILE C 24 0.49 -5.19 -0.06
CA ILE C 24 -0.50 -5.00 1.05
C ILE C 24 -0.42 -6.16 2.04
N HIS C 25 -0.25 -7.38 1.53
CA HIS C 25 -0.07 -8.58 2.41
C HIS C 25 1.13 -8.41 3.37
N THR C 26 2.25 -7.94 2.84
CA THR C 26 3.42 -7.71 3.67
C THR C 26 3.11 -6.62 4.72
N VAL C 27 2.46 -5.54 4.29
CA VAL C 27 2.08 -4.46 5.22
C VAL C 27 1.24 -5.06 6.35
N THR C 28 0.28 -5.94 6.03
CA THR C 28 -0.54 -6.52 7.09
C THR C 28 0.35 -7.29 8.12
N ILE C 29 1.33 -8.06 7.64
CA ILE C 29 2.20 -8.86 8.50
C ILE C 29 2.94 -7.88 9.43
N ALA C 30 3.43 -6.79 8.87
CA ALA C 30 4.21 -5.77 9.67
C ALA C 30 3.30 -5.09 10.71
N LEU C 31 2.09 -4.65 10.33
CA LEU C 31 1.19 -4.06 11.31
C LEU C 31 0.84 -5.03 12.46
N ASN C 32 0.67 -6.30 12.12
CA ASN C 32 0.28 -7.28 13.14
C ASN C 32 1.46 -7.49 14.12
N LYS C 33 2.69 -7.48 13.60
CA LYS C 33 3.89 -7.55 14.45
C LYS C 33 3.97 -6.32 15.35
N ILE C 34 3.71 -5.12 14.79
CA ILE C 34 3.84 -3.91 15.62
C ILE C 34 2.80 -4.01 16.73
N GLN C 35 1.55 -4.37 16.38
CA GLN C 35 0.51 -4.44 17.41
C GLN C 35 1.00 -5.31 18.59
N ASP C 36 1.48 -6.50 18.29
CA ASP C 36 1.87 -7.49 19.32
C ASP C 36 2.91 -6.88 20.24
N VAL C 37 3.96 -6.30 19.70
CA VAL C 37 5.08 -5.77 20.54
C VAL C 37 4.60 -4.55 21.35
N VAL C 38 3.80 -3.68 20.72
CA VAL C 38 3.33 -2.46 21.38
C VAL C 38 2.44 -2.84 22.54
N ASN C 39 1.61 -3.86 22.37
CA ASN C 39 0.76 -4.26 23.48
C ASN C 39 1.53 -5.04 24.54
N GLN C 40 2.58 -5.73 24.14
CA GLN C 40 3.46 -6.38 25.13
C GLN C 40 4.09 -5.32 26.03
N GLN C 41 4.56 -4.22 25.43
CA GLN C 41 5.18 -3.10 26.15
C GLN C 41 4.22 -2.29 27.00
N GLY C 42 2.99 -2.06 26.53
CA GLY C 42 1.95 -1.38 27.31
C GLY C 42 1.57 -2.17 28.54
N SER C 43 1.48 -3.48 28.40
CA SER C 43 1.19 -4.36 29.52
C SER C 43 2.29 -4.24 30.60
N ALA C 44 3.53 -4.36 30.16
CA ALA C 44 4.73 -4.30 31.01
C ALA C 44 4.82 -2.96 31.76
N LEU C 45 4.65 -1.86 31.02
CA LEU C 45 4.59 -0.53 31.59
C LEU C 45 3.50 -0.38 32.66
N ASN C 46 2.31 -0.92 32.39
CA ASN C 46 1.23 -0.94 33.38
C ASN C 46 1.64 -1.68 34.65
N HIS C 47 2.09 -2.92 34.45
CA HIS C 47 2.47 -3.80 35.55
C HIS C 47 3.55 -3.12 36.42
N LEU C 48 4.55 -2.53 35.75
CA LEU C 48 5.63 -1.80 36.42
C LEU C 48 5.17 -0.55 37.16
N THR C 49 4.27 0.22 36.55
CA THR C 49 3.69 1.40 37.18
C THR C 49 2.91 1.06 38.45
N SER C 50 2.12 -0.01 38.42
CA SER C 50 1.34 -0.45 39.61
C SER C 50 2.19 -1.06 40.73
N GLN C 51 3.23 -1.80 40.36
CA GLN C 51 4.17 -2.33 41.33
C GLN C 51 4.75 -1.15 42.11
N LEU C 52 4.75 0.02 41.48
CA LEU C 52 5.26 1.25 42.10
C LEU C 52 4.15 2.20 42.56
N THR C 70 -4.65 3.33 27.15
CA THR C 70 -5.08 2.60 25.97
C THR C 70 -4.37 1.25 25.85
N TYR C 71 -4.76 0.51 24.82
CA TYR C 71 -3.94 -0.49 24.16
C TYR C 71 -4.20 -0.26 22.66
N LEU C 72 -3.42 -0.93 21.83
CA LEU C 72 -3.53 -0.79 20.38
C LEU C 72 -4.40 -1.88 19.77
N ASN C 73 -5.48 -1.48 19.10
CA ASN C 73 -6.33 -2.47 18.46
C ASN C 73 -6.41 -2.18 16.96
N LEU C 74 -5.65 -2.94 16.16
CA LEU C 74 -5.72 -2.78 14.71
C LEU C 74 -6.58 -3.85 14.05
N SER C 75 -7.40 -4.56 14.84
CA SER C 75 -8.09 -5.71 14.29
C SER C 75 -8.98 -5.32 13.09
N SER C 76 -9.65 -4.17 13.15
CA SER C 76 -10.55 -3.76 12.01
C SER C 76 -9.75 -3.46 10.76
N GLU C 77 -8.66 -2.69 10.96
CA GLU C 77 -7.83 -2.33 9.81
C GLU C 77 -7.15 -3.56 9.20
N LEU C 78 -6.68 -4.50 10.04
CA LEU C 78 -6.09 -5.74 9.58
C LEU C 78 -7.06 -6.57 8.76
N LYS C 79 -8.32 -6.64 9.21
CA LYS C 79 -9.32 -7.40 8.45
C LYS C 79 -9.69 -6.76 7.11
N GLN C 80 -9.78 -5.45 7.10
CA GLN C 80 -10.01 -4.70 5.85
C GLN C 80 -8.84 -4.90 4.90
N LEU C 81 -7.61 -4.85 5.40
CA LEU C 81 -6.42 -5.05 4.50
C LEU C 81 -6.39 -6.45 3.96
N GLU C 82 -6.75 -7.44 4.82
CA GLU C 82 -6.79 -8.82 4.36
C GLU C 82 -7.80 -8.98 3.23
N ALA C 83 -8.93 -8.30 3.36
CA ALA C 83 -10.03 -8.30 2.38
C ALA C 83 -9.53 -7.68 1.06
N LYS C 84 -8.77 -6.60 1.17
CA LYS C 84 -8.13 -5.92 -0.03
C LYS C 84 -7.07 -6.78 -0.70
N THR C 85 -6.25 -7.51 0.06
CA THR C 85 -5.34 -8.48 -0.53
C THR C 85 -6.12 -9.47 -1.38
N ALA C 86 -7.19 -10.02 -0.79
CA ALA C 86 -7.94 -11.03 -1.51
C ALA C 86 -8.59 -10.44 -2.76
N SER C 87 -9.21 -9.27 -2.63
CA SER C 87 -9.99 -8.72 -3.74
C SER C 87 -9.05 -8.31 -4.87
N LEU C 88 -7.88 -7.78 -4.52
CA LEU C 88 -6.88 -7.49 -5.60
C LEU C 88 -6.46 -8.76 -6.33
N PHE C 89 -6.15 -9.82 -5.55
CA PHE C 89 -5.78 -11.10 -6.17
C PHE C 89 -6.93 -11.62 -7.06
N GLN C 90 -8.15 -11.50 -6.59
CA GLN C 90 -9.31 -11.80 -7.44
C GLN C 90 -9.39 -11.02 -8.76
N THR C 91 -9.13 -9.73 -8.71
CA THR C 91 -9.09 -8.90 -9.93
C THR C 91 -7.99 -9.42 -10.88
N THR C 92 -6.83 -9.82 -10.38
CA THR C 92 -5.80 -10.39 -11.30
C THR C 92 -6.30 -11.63 -12.09
N VAL C 93 -7.08 -12.48 -11.44
CA VAL C 93 -7.67 -13.67 -12.14
C VAL C 93 -8.71 -13.20 -13.17
N GLU C 94 -9.54 -12.24 -12.78
CA GLU C 94 -10.55 -11.67 -13.69
C GLU C 94 -9.91 -11.02 -14.91
N LEU C 95 -8.93 -10.16 -14.66
CA LEU C 95 -8.19 -9.47 -15.71
C LEU C 95 -7.44 -10.42 -16.61
N GLN C 96 -6.79 -11.45 -16.04
CA GLN C 96 -6.21 -12.52 -16.88
C GLN C 96 -7.24 -13.17 -17.88
N GLY C 97 -8.44 -13.51 -17.41
CA GLY C 97 -9.47 -14.08 -18.28
C GLY C 97 -9.82 -13.11 -19.39
N LEU C 98 -9.90 -11.82 -19.07
CA LEU C 98 -10.20 -10.84 -20.14
C LEU C 98 -9.07 -10.71 -21.14
N ILE C 99 -7.83 -10.72 -20.64
CA ILE C 99 -6.66 -10.68 -21.50
C ILE C 99 -6.70 -11.90 -22.43
N ASP C 100 -7.02 -13.07 -21.88
CA ASP C 100 -7.23 -14.30 -22.70
C ASP C 100 -8.26 -14.13 -23.83
N GLN C 101 -9.39 -13.50 -23.53
CA GLN C 101 -10.42 -13.16 -24.55
C GLN C 101 -9.89 -12.20 -25.63
N ILE C 102 -9.08 -11.22 -25.24
CA ILE C 102 -8.50 -10.28 -26.21
C ILE C 102 -7.55 -11.02 -27.15
N ASN C 103 -6.75 -11.93 -26.59
CA ASN C 103 -5.90 -12.85 -27.37
C ASN C 103 -6.65 -13.80 -28.31
N SER C 104 -7.89 -14.13 -27.95
CA SER C 104 -8.71 -15.05 -28.72
C SER C 104 -9.14 -14.46 -30.08
N THR C 105 -9.34 -13.15 -30.13
CA THR C 105 -10.15 -12.50 -31.18
C THR C 105 -9.58 -12.51 -32.61
NA NA D . 11.23 -9.24 9.75
C ACT E . -13.76 8.31 -5.38
O ACT E . -14.17 7.14 -5.65
OXT ACT E . -13.56 9.09 -6.34
CH3 ACT E . -13.50 8.74 -3.98
NA NA F . 7.09 12.60 9.70
NA NA G . -9.24 -1.67 14.87
#